data_7KFA
#
_entry.id   7KFA
#
_cell.length_a   62.422
_cell.length_b   70.338
_cell.length_c   150.623
_cell.angle_alpha   90.000
_cell.angle_beta   90.000
_cell.angle_gamma   90.000
#
_symmetry.space_group_name_H-M   'P 21 21 21'
#
loop_
_entity.id
_entity.type
_entity.pdbx_description
1 polymer 'Proprotein convertase subtilisin/kexin type 9 Propeptide'
2 polymer 'Proprotein convertase subtilisin/kexin type 9'
3 polymer 1-[2,6,10.14-TETRAMETHYL-HEXADECAN-16-YL]-2-[2,10,14-TRIMETHYLHEXADECAN-16-YL]GLYCEROL
4 non-polymer 'CALCIUM ION'
5 water water
#
loop_
_entity_poly.entity_id
_entity_poly.type
_entity_poly.pdbx_seq_one_letter_code
_entity_poly.pdbx_strand_id
1 'polypeptide(L)'
;RAQEDEDGDYEELVLALRSEEDGLAEAPEHGTTATFHRCAKDPWRLPGTYVVVLKEETHLSQSERTARRLQAQAARRGYL
TKILHVFHGLLPGFLVKMSGDLLELALKLPHVDYIEEDSSVFAQ
;
A
2 'polypeptide(L)'
;SIPWNLERITPPRYRADEYQPPDGGSLVEVYLLDTSIQSDHREIEGRVMVTDFENVPEEDGTRFHRQASKCDSHGTHLAG
VVSGRDAGVAKGASMRSLRVLNCQGKGTVSGTLIGLEFIRKSQLVQPVGPLVVLLPLAGGYSRVLNAACQRLARAGVVLV
TAAGNFRDDACLYSPASAPEVITVGATNAQDQPVTLGTLGTNFGRCVDLFAPGEDIIGASSDCSTCFVSQSGTSQAAAHV
AGIAAMMLSAEPELTLAELRQRLIHFSAKDVINEAWFPEDQRVLTPNLVAALPPSTHGAGWQLFCRTVWSAHSGPTRMAT
AIARCAPDEELLSCSSFSRSGKRRGERMEAQGGKLVCRAHNAFGGEGVYAIARCCLLPQANCSVHTAPPAEASMGTRVHC
HQQGHVLTGCSSHWEVEDLGTHKPPVLRPRGQPNQCVGHREASIHASCCHAPGLECKVKEHGIPAPQEQVTVACEEGWTL
TGCSALPGTSHVLGAYAVDNTCVVRSRDVSTTGSTSEEAVTAVAICCRSRHLAQASQELQHHHHHH
;
B
3 'polypeptide(L)' (ACE)FVPTT(WCM)(WCM)EAPC(NEH) D
#
loop_
_chem_comp.id
_chem_comp.type
_chem_comp.name
_chem_comp.formula
ACE non-polymer 'ACETYL GROUP' 'C2 H4 O'
CA non-polymer 'CALCIUM ION' 'Ca 2'
NEH non-polymer ETHANAMINE 'C2 H7 N'
#
# COMPACT_ATOMS: atom_id res chain seq x y z
N THR A 33 14.70 -16.43 -19.85
CA THR A 33 13.30 -16.19 -19.54
C THR A 33 13.06 -16.30 -18.04
N ALA A 34 13.61 -17.34 -17.41
CA ALA A 34 13.55 -17.47 -15.97
C ALA A 34 14.68 -16.65 -15.33
N THR A 35 14.33 -15.93 -14.27
CA THR A 35 15.24 -14.97 -13.65
C THR A 35 15.49 -15.34 -12.20
N PHE A 36 16.62 -14.84 -11.68
CA PHE A 36 17.05 -15.05 -10.31
C PHE A 36 17.01 -13.72 -9.56
N HIS A 37 16.69 -13.79 -8.27
CA HIS A 37 16.57 -12.60 -7.47
C HIS A 37 17.05 -12.90 -6.06
N ARG A 38 17.76 -11.95 -5.47
CA ARG A 38 18.16 -12.02 -4.08
C ARG A 38 18.08 -10.62 -3.49
N CYS A 39 17.98 -10.57 -2.17
CA CYS A 39 17.67 -9.31 -1.49
C CYS A 39 18.85 -8.35 -1.56
N ALA A 40 18.55 -7.07 -1.84
CA ALA A 40 19.60 -6.07 -2.03
C ALA A 40 20.30 -5.71 -0.74
N LYS A 41 19.71 -6.00 0.42
CA LYS A 41 20.35 -5.74 1.70
C LYS A 41 21.17 -6.98 2.04
N ASP A 42 22.47 -6.89 1.82
CA ASP A 42 23.34 -8.05 1.99
C ASP A 42 23.24 -8.71 3.36
N PRO A 43 23.22 -7.99 4.49
CA PRO A 43 23.11 -8.68 5.80
C PRO A 43 21.80 -9.42 6.00
N TRP A 44 20.81 -9.24 5.13
CA TRP A 44 19.52 -9.90 5.28
C TRP A 44 19.37 -11.13 4.41
N ARG A 45 20.34 -11.41 3.54
CA ARG A 45 20.25 -12.57 2.66
C ARG A 45 20.45 -13.87 3.45
N LEU A 46 19.78 -14.93 2.99
CA LEU A 46 19.90 -16.26 3.58
C LEU A 46 20.29 -17.25 2.51
N PRO A 47 21.55 -17.24 2.08
CA PRO A 47 21.97 -18.16 1.02
C PRO A 47 21.82 -19.61 1.47
N GLY A 48 21.57 -20.49 0.50
CA GLY A 48 21.36 -21.90 0.76
C GLY A 48 19.91 -22.34 0.66
N THR A 49 18.95 -21.42 0.77
CA THR A 49 17.54 -21.73 0.66
C THR A 49 16.91 -20.85 -0.42
N TYR A 50 16.15 -21.47 -1.32
CA TYR A 50 15.64 -20.77 -2.49
C TYR A 50 14.16 -21.07 -2.68
N VAL A 51 13.40 -20.06 -3.08
CA VAL A 51 12.00 -20.21 -3.44
C VAL A 51 11.94 -20.32 -4.96
N VAL A 52 11.67 -21.52 -5.46
CA VAL A 52 11.48 -21.75 -6.89
C VAL A 52 10.02 -21.51 -7.22
N VAL A 53 9.74 -20.43 -7.95
CA VAL A 53 8.38 -20.08 -8.34
C VAL A 53 8.16 -20.54 -9.77
N LEU A 54 7.03 -21.23 -10.00
CA LEU A 54 6.68 -21.73 -11.32
C LEU A 54 5.61 -20.86 -11.95
N LYS A 55 5.38 -21.07 -13.25
CA LYS A 55 4.42 -20.26 -13.98
C LYS A 55 3.01 -20.47 -13.43
N GLU A 56 2.18 -19.44 -13.60
CA GLU A 56 0.94 -19.30 -12.83
C GLU A 56 0.04 -20.54 -12.91
N GLU A 57 -0.11 -21.12 -14.09
CA GLU A 57 -1.06 -22.20 -14.31
C GLU A 57 -0.51 -23.57 -13.98
N THR A 58 0.62 -23.66 -13.29
CA THR A 58 1.24 -24.95 -13.02
C THR A 58 0.49 -25.68 -11.92
N HIS A 59 0.14 -26.94 -12.18
CA HIS A 59 -0.58 -27.75 -11.20
C HIS A 59 0.36 -28.28 -10.13
N LEU A 60 -0.22 -28.58 -8.97
CA LEU A 60 0.58 -29.05 -7.83
C LEU A 60 1.37 -30.32 -8.18
N SER A 61 0.83 -31.19 -9.04
CA SER A 61 1.57 -32.39 -9.42
C SER A 61 2.80 -32.05 -10.25
N GLN A 62 2.68 -31.08 -11.15
CA GLN A 62 3.85 -30.62 -11.91
C GLN A 62 4.88 -29.98 -10.98
N SER A 63 4.41 -29.22 -10.00
CA SER A 63 5.34 -28.60 -9.04
C SER A 63 6.14 -29.65 -8.31
N GLU A 64 5.50 -30.74 -7.89
CA GLU A 64 6.22 -31.79 -7.18
C GLU A 64 7.16 -32.56 -8.09
N ARG A 65 6.78 -32.77 -9.36
CA ARG A 65 7.66 -33.49 -10.26
C ARG A 65 8.86 -32.65 -10.66
N THR A 66 8.65 -31.34 -10.87
CA THR A 66 9.76 -30.43 -11.12
C THR A 66 10.76 -30.45 -9.97
N ALA A 67 10.27 -30.51 -8.73
CA ALA A 67 11.17 -30.49 -7.58
C ALA A 67 11.95 -31.79 -7.47
N ARG A 68 11.29 -32.93 -7.69
CA ARG A 68 12.01 -34.20 -7.67
C ARG A 68 12.98 -34.29 -8.84
N ARG A 69 12.63 -33.67 -9.97
CA ARG A 69 13.55 -33.61 -11.11
C ARG A 69 14.81 -32.83 -10.76
N LEU A 70 14.65 -31.71 -10.05
CA LEU A 70 15.78 -30.95 -9.56
C LEU A 70 16.61 -31.79 -8.59
N GLN A 71 15.95 -32.50 -7.67
CA GLN A 71 16.67 -33.35 -6.73
C GLN A 71 17.47 -34.43 -7.47
N ALA A 72 16.89 -35.00 -8.52
CA ALA A 72 17.57 -36.06 -9.26
C ALA A 72 18.78 -35.52 -10.01
N GLN A 73 18.61 -34.42 -10.73
CA GLN A 73 19.74 -33.84 -11.45
C GLN A 73 20.82 -33.35 -10.50
N ALA A 74 20.44 -32.91 -9.30
CA ALA A 74 21.43 -32.48 -8.33
C ALA A 74 22.23 -33.65 -7.78
N ALA A 75 21.56 -34.80 -7.59
CA ALA A 75 22.27 -35.98 -7.08
C ALA A 75 23.29 -36.50 -8.08
N ARG A 76 22.94 -36.48 -9.38
CA ARG A 76 23.89 -36.92 -10.40
C ARG A 76 25.17 -36.08 -10.37
N ARG A 77 25.05 -34.79 -10.07
CA ARG A 77 26.17 -33.87 -9.98
CA ARG A 77 26.21 -33.92 -10.01
C ARG A 77 26.89 -33.94 -8.64
N GLY A 78 26.50 -34.85 -7.76
CA GLY A 78 27.14 -34.96 -6.46
C GLY A 78 26.60 -34.05 -5.39
N TYR A 79 25.47 -33.38 -5.64
CA TYR A 79 24.93 -32.40 -4.70
C TYR A 79 23.78 -33.00 -3.90
N LEU A 80 23.64 -32.52 -2.66
CA LEU A 80 22.57 -32.94 -1.77
C LEU A 80 21.54 -31.83 -1.66
N THR A 81 20.28 -32.18 -1.88
CA THR A 81 19.19 -31.20 -1.83
C THR A 81 18.08 -31.70 -0.93
N LYS A 82 17.34 -30.75 -0.37
CA LYS A 82 16.21 -31.05 0.51
C LYS A 82 15.04 -30.17 0.12
N ILE A 83 13.93 -30.78 -0.26
CA ILE A 83 12.69 -30.06 -0.54
C ILE A 83 12.00 -29.79 0.80
N LEU A 84 11.90 -28.50 1.16
CA LEU A 84 11.37 -28.14 2.47
C LEU A 84 9.86 -27.95 2.47
N HIS A 85 9.27 -27.61 1.32
CA HIS A 85 7.86 -27.30 1.21
C HIS A 85 7.53 -27.17 -0.26
N VAL A 86 6.30 -27.54 -0.61
CA VAL A 86 5.78 -27.37 -1.97
C VAL A 86 4.60 -26.41 -1.91
N PHE A 87 4.66 -25.37 -2.72
CA PHE A 87 3.66 -24.30 -2.68
C PHE A 87 2.53 -24.56 -3.65
N HIS A 88 1.31 -24.25 -3.20
CA HIS A 88 0.11 -24.23 -4.01
C HIS A 88 -0.97 -23.54 -3.21
N GLY A 89 -1.86 -22.85 -3.91
CA GLY A 89 -2.90 -22.09 -3.23
C GLY A 89 -2.81 -20.60 -3.52
N LEU A 90 -1.59 -20.06 -3.44
CA LEU A 90 -1.31 -18.71 -3.92
C LEU A 90 -0.32 -18.74 -5.08
N LEU A 91 0.89 -19.21 -4.87
CA LEU A 91 1.78 -19.38 -5.99
C LEU A 91 2.21 -20.84 -6.11
N PRO A 92 2.37 -21.36 -7.32
CA PRO A 92 2.93 -22.70 -7.48
C PRO A 92 4.46 -22.64 -7.40
N GLY A 93 5.04 -23.68 -6.81
CA GLY A 93 6.48 -23.75 -6.70
C GLY A 93 6.89 -24.51 -5.45
N PHE A 94 8.15 -24.35 -5.05
CA PHE A 94 8.62 -25.11 -3.90
C PHE A 94 9.78 -24.38 -3.25
N LEU A 95 10.05 -24.76 -2.00
CA LEU A 95 11.17 -24.27 -1.23
C LEU A 95 12.22 -25.36 -1.16
N VAL A 96 13.43 -25.07 -1.62
CA VAL A 96 14.51 -26.05 -1.69
C VAL A 96 15.71 -25.56 -0.90
N LYS A 97 16.34 -26.47 -0.17
CA LYS A 97 17.62 -26.20 0.48
C LYS A 97 18.70 -26.85 -0.36
N MET A 98 19.59 -26.04 -0.92
CA MET A 98 20.60 -26.53 -1.87
C MET A 98 21.70 -25.48 -2.01
N SER A 99 22.80 -25.92 -2.62
CA SER A 99 23.89 -25.01 -2.95
C SER A 99 23.50 -24.10 -4.11
N GLY A 100 23.96 -22.84 -4.02
CA GLY A 100 23.70 -21.90 -5.10
C GLY A 100 24.27 -22.32 -6.43
N ASP A 101 25.30 -23.17 -6.43
CA ASP A 101 25.87 -23.70 -7.67
C ASP A 101 24.81 -24.32 -8.56
N LEU A 102 23.67 -24.72 -8.00
CA LEU A 102 22.63 -25.41 -8.75
C LEU A 102 21.64 -24.46 -9.42
N LEU A 103 21.84 -23.15 -9.29
CA LEU A 103 20.81 -22.20 -9.73
C LEU A 103 20.66 -22.17 -11.25
N GLU A 104 21.74 -22.33 -12.01
CA GLU A 104 21.55 -22.33 -13.46
C GLU A 104 20.91 -23.63 -13.94
N LEU A 105 21.19 -24.75 -13.27
CA LEU A 105 20.43 -25.97 -13.50
C LEU A 105 18.95 -25.75 -13.20
N ALA A 106 18.64 -25.17 -12.04
CA ALA A 106 17.25 -25.00 -11.63
C ALA A 106 16.51 -23.99 -12.51
N LEU A 107 17.20 -22.97 -13.03
CA LEU A 107 16.55 -22.01 -13.90
C LEU A 107 16.16 -22.61 -15.24
N LYS A 108 16.80 -23.71 -15.65
CA LYS A 108 16.48 -24.39 -16.90
C LYS A 108 15.34 -25.40 -16.76
N LEU A 109 14.90 -25.70 -15.54
CA LEU A 109 13.85 -26.68 -15.35
C LEU A 109 12.57 -26.21 -16.04
N PRO A 110 11.73 -27.15 -16.50
CA PRO A 110 10.46 -26.74 -17.10
C PRO A 110 9.55 -26.07 -16.08
N HIS A 111 8.75 -25.12 -16.56
CA HIS A 111 7.72 -24.39 -15.82
C HIS A 111 8.28 -23.35 -14.86
N VAL A 112 9.59 -23.14 -14.81
CA VAL A 112 10.14 -22.21 -13.83
C VAL A 112 9.92 -20.78 -14.31
N ASP A 113 9.40 -19.92 -13.42
CA ASP A 113 9.18 -18.51 -13.71
C ASP A 113 10.32 -17.65 -13.15
N TYR A 114 10.60 -17.78 -11.86
CA TYR A 114 11.77 -17.15 -11.28
C TYR A 114 12.13 -17.87 -10.00
N ILE A 115 13.38 -17.66 -9.57
CA ILE A 115 13.89 -18.22 -8.34
C ILE A 115 14.37 -17.07 -7.46
N GLU A 116 14.11 -17.16 -6.17
CA GLU A 116 14.50 -16.10 -5.25
C GLU A 116 15.20 -16.68 -4.03
N GLU A 117 16.36 -16.13 -3.71
CA GLU A 117 17.07 -16.50 -2.49
C GLU A 117 16.26 -16.04 -1.28
N ASP A 118 16.11 -16.94 -0.31
CA ASP A 118 15.41 -16.58 0.93
C ASP A 118 16.12 -15.41 1.61
N SER A 119 15.36 -14.64 2.39
CA SER A 119 15.93 -13.52 3.12
C SER A 119 15.14 -13.30 4.40
N SER A 120 15.65 -12.39 5.22
CA SER A 120 15.15 -12.19 6.57
C SER A 120 13.97 -11.22 6.58
N VAL A 121 13.09 -11.39 7.56
CA VAL A 121 12.09 -10.39 7.89
C VAL A 121 12.19 -10.14 9.39
N PHE A 122 11.74 -8.95 9.80
CA PHE A 122 11.93 -8.49 11.16
C PHE A 122 10.64 -7.88 11.70
N ALA A 123 10.43 -8.05 13.01
CA ALA A 123 9.34 -7.37 13.69
C ALA A 123 9.49 -5.86 13.56
N GLN A 124 8.43 -5.19 13.12
CA GLN A 124 8.48 -3.73 12.97
C GLN A 124 7.61 -3.02 13.99
N SER B 1 -7.49 10.43 30.60
CA SER B 1 -8.05 9.14 30.95
C SER B 1 -7.66 8.28 29.77
N ILE B 2 -8.44 8.30 28.69
CA ILE B 2 -8.23 7.63 27.38
C ILE B 2 -6.81 7.73 26.81
N PRO B 3 -6.15 6.62 26.41
CA PRO B 3 -4.80 6.73 25.82
C PRO B 3 -4.85 7.58 24.56
N TRP B 4 -3.83 8.44 24.41
CA TRP B 4 -3.81 9.44 23.35
C TRP B 4 -4.12 8.83 21.99
N ASN B 5 -3.58 7.63 21.72
CA ASN B 5 -3.71 7.03 20.39
C ASN B 5 -5.14 6.67 20.08
N LEU B 6 -5.89 6.21 21.09
CA LEU B 6 -7.30 5.89 20.88
C LEU B 6 -8.14 7.15 20.74
N GLU B 7 -7.75 8.24 21.39
CA GLU B 7 -8.49 9.49 21.22
C GLU B 7 -8.21 10.12 19.86
N ARG B 8 -6.99 9.97 19.35
CA ARG B 8 -6.62 10.60 18.08
C ARG B 8 -7.35 9.95 16.91
N ILE B 9 -7.65 8.65 16.99
CA ILE B 9 -8.34 7.96 15.91
C ILE B 9 -9.86 8.08 16.06
N THR B 10 -10.31 8.84 17.04
CA THR B 10 -11.74 9.07 17.21
C THR B 10 -12.15 10.32 16.42
N PRO B 11 -13.15 10.24 15.55
CA PRO B 11 -13.56 11.41 14.76
C PRO B 11 -14.16 12.49 15.64
N PRO B 12 -14.17 13.74 15.17
CA PRO B 12 -14.72 14.84 15.99
C PRO B 12 -16.21 14.73 16.25
N ARG B 13 -16.90 13.78 15.63
CA ARG B 13 -18.27 13.41 15.99
C ARG B 13 -18.35 11.91 15.90
N TYR B 14 -18.73 11.24 16.99
CA TYR B 14 -18.60 9.80 16.98
C TYR B 14 -19.72 9.10 17.74
N ARG B 15 -20.14 7.91 17.24
CA ARG B 15 -21.16 7.01 17.88
C ARG B 15 -20.56 5.83 18.62
N SER B 26 -17.16 -8.06 14.13
CA SER B 26 -17.24 -9.35 14.81
C SER B 26 -17.48 -10.48 13.82
N LEU B 27 -18.22 -10.19 12.74
CA LEU B 27 -18.23 -11.10 11.61
C LEU B 27 -16.90 -11.11 10.86
N VAL B 28 -15.95 -10.31 11.32
CA VAL B 28 -14.63 -10.18 10.72
C VAL B 28 -13.63 -10.95 11.57
N GLU B 29 -12.67 -11.60 10.92
CA GLU B 29 -11.55 -12.23 11.59
C GLU B 29 -10.27 -11.49 11.22
N VAL B 30 -9.37 -11.34 12.19
CA VAL B 30 -8.09 -10.66 11.99
C VAL B 30 -6.97 -11.66 12.23
N TYR B 31 -6.21 -11.98 11.18
CA TYR B 31 -5.06 -12.86 11.30
C TYR B 31 -3.81 -12.04 11.62
N LEU B 32 -2.95 -12.60 12.47
CA LEU B 32 -1.71 -11.94 12.89
C LEU B 32 -0.53 -12.86 12.61
N LEU B 33 0.47 -12.34 11.91
CA LEU B 33 1.71 -13.06 11.62
C LEU B 33 2.81 -12.38 12.42
N ASP B 34 3.25 -13.01 13.49
CA ASP B 34 4.04 -12.32 14.50
C ASP B 34 4.87 -13.33 15.28
N THR B 35 5.42 -12.89 16.40
CA THR B 35 6.01 -13.80 17.36
C THR B 35 4.91 -14.62 18.02
N SER B 36 5.31 -15.51 18.92
CA SER B 36 4.32 -16.21 19.73
C SER B 36 3.50 -15.20 20.53
N ILE B 37 2.36 -15.65 21.02
CA ILE B 37 1.40 -14.80 21.72
C ILE B 37 1.22 -15.35 23.13
N GLN B 38 0.98 -14.45 24.08
CA GLN B 38 0.51 -14.84 25.40
C GLN B 38 -1.02 -14.76 25.38
N SER B 39 -1.63 -15.83 24.89
CA SER B 39 -3.05 -15.84 24.56
C SER B 39 -3.98 -15.72 25.76
N ASP B 40 -3.49 -15.98 26.98
CA ASP B 40 -4.35 -15.90 28.15
C ASP B 40 -4.23 -14.56 28.88
N HIS B 41 -3.48 -13.61 28.32
CA HIS B 41 -3.47 -12.25 28.87
C HIS B 41 -4.89 -11.69 28.87
N ARG B 42 -5.27 -11.09 30.00
CA ARG B 42 -6.66 -10.64 30.18
C ARG B 42 -7.10 -9.64 29.12
N GLU B 43 -6.17 -8.96 28.45
CA GLU B 43 -6.54 -8.04 27.39
C GLU B 43 -7.17 -8.78 26.21
N ILE B 44 -6.63 -9.95 25.87
CA ILE B 44 -6.98 -10.65 24.64
C ILE B 44 -7.49 -12.06 24.91
N GLU B 45 -7.48 -12.50 26.15
CA GLU B 45 -7.91 -13.86 26.49
C GLU B 45 -9.32 -14.13 25.99
N GLY B 46 -9.49 -15.24 25.28
CA GLY B 46 -10.77 -15.67 24.79
C GLY B 46 -11.12 -15.20 23.39
N ARG B 47 -10.46 -14.18 22.88
CA ARG B 47 -10.75 -13.67 21.54
C ARG B 47 -9.57 -13.81 20.58
N VAL B 48 -8.49 -14.48 21.00
CA VAL B 48 -7.37 -14.79 20.12
C VAL B 48 -7.21 -16.30 20.09
N MET B 49 -7.32 -16.88 18.89
CA MET B 49 -7.11 -18.31 18.70
C MET B 49 -5.71 -18.52 18.13
N VAL B 50 -4.87 -19.24 18.86
CA VAL B 50 -3.52 -19.58 18.40
C VAL B 50 -3.63 -20.75 17.42
N THR B 51 -3.33 -20.50 16.15
CA THR B 51 -3.40 -21.56 15.14
C THR B 51 -2.30 -22.60 15.31
N ASP B 52 -1.30 -22.31 16.13
CA ASP B 52 -0.08 -23.09 16.31
C ASP B 52 0.60 -23.46 14.99
N PHE B 53 0.26 -22.80 13.89
CA PHE B 53 1.21 -22.73 12.79
C PHE B 53 2.48 -22.07 13.28
N GLU B 54 3.62 -22.60 12.86
CA GLU B 54 4.90 -22.09 13.34
C GLU B 54 5.96 -22.35 12.28
N ASN B 55 6.63 -21.29 11.84
CA ASN B 55 7.71 -21.39 10.85
C ASN B 55 8.67 -20.23 11.13
N VAL B 56 9.72 -20.50 11.90
CA VAL B 56 10.67 -19.48 12.32
C VAL B 56 12.10 -19.98 12.15
N PRO B 57 13.07 -19.12 11.85
CA PRO B 57 14.46 -19.54 11.89
C PRO B 57 14.94 -19.70 13.33
N GLU B 58 15.98 -20.49 13.50
CA GLU B 58 16.44 -20.73 14.86
C GLU B 58 17.28 -19.56 15.36
N GLU B 59 17.15 -19.29 16.66
CA GLU B 59 17.54 -18.01 17.26
C GLU B 59 19.06 -17.92 17.35
N ASP B 60 19.65 -17.03 16.54
CA ASP B 60 21.09 -16.84 16.51
C ASP B 60 21.56 -15.97 17.69
N ALA B 68 11.77 -15.76 27.20
CA ALA B 68 10.46 -16.39 27.20
C ALA B 68 9.36 -15.33 27.24
N SER B 69 9.58 -14.29 28.06
CA SER B 69 8.69 -13.13 28.04
C SER B 69 9.09 -12.17 26.92
N LYS B 70 10.37 -12.16 26.56
CA LYS B 70 10.80 -11.46 25.36
C LYS B 70 10.29 -12.15 24.10
N CYS B 71 10.02 -13.46 24.21
CA CYS B 71 9.57 -14.27 23.07
C CYS B 71 8.25 -13.77 22.50
N ASP B 72 7.28 -13.48 23.35
CA ASP B 72 5.95 -13.09 22.90
C ASP B 72 5.65 -11.61 23.18
N SER B 73 6.69 -10.81 23.42
CA SER B 73 6.48 -9.40 23.69
C SER B 73 5.83 -8.69 22.51
N HIS B 74 6.41 -8.84 21.31
CA HIS B 74 5.93 -8.11 20.14
C HIS B 74 4.50 -8.51 19.78
N GLY B 75 4.22 -9.81 19.71
CA GLY B 75 2.92 -10.25 19.25
C GLY B 75 1.81 -9.96 20.23
N THR B 76 2.06 -10.15 21.54
CA THR B 76 1.06 -9.90 22.56
C THR B 76 0.62 -8.43 22.55
N HIS B 77 1.58 -7.52 22.43
CA HIS B 77 1.25 -6.09 22.38
C HIS B 77 0.37 -5.77 21.17
N LEU B 78 0.70 -6.31 20.00
CA LEU B 78 -0.04 -5.95 18.79
C LEU B 78 -1.44 -6.55 18.81
N ALA B 79 -1.59 -7.79 19.26
CA ALA B 79 -2.92 -8.35 19.46
C ALA B 79 -3.74 -7.46 20.39
N GLY B 80 -3.09 -6.89 21.41
CA GLY B 80 -3.78 -5.97 22.29
C GLY B 80 -4.22 -4.70 21.58
N VAL B 81 -3.36 -4.14 20.74
CA VAL B 81 -3.69 -2.91 20.02
C VAL B 81 -4.90 -3.15 19.11
N VAL B 82 -4.99 -4.34 18.51
CA VAL B 82 -6.10 -4.63 17.60
C VAL B 82 -7.39 -4.88 18.38
N SER B 83 -7.33 -5.76 19.38
CA SER B 83 -8.53 -6.34 19.97
C SER B 83 -8.64 -6.21 21.48
N GLY B 84 -7.71 -5.52 22.13
CA GLY B 84 -7.66 -5.54 23.59
C GLY B 84 -8.89 -4.92 24.23
N ARG B 85 -9.23 -5.44 25.42
CA ARG B 85 -10.48 -5.07 26.06
C ARG B 85 -10.45 -3.64 26.60
N ASP B 86 -9.30 -3.18 27.08
CA ASP B 86 -9.19 -1.80 27.58
C ASP B 86 -8.44 -0.86 26.66
N ALA B 87 -7.43 -1.34 25.92
CA ALA B 87 -6.62 -0.48 25.07
C ALA B 87 -6.64 -0.90 23.61
N GLY B 88 -7.67 -1.64 23.19
CA GLY B 88 -7.77 -2.05 21.80
C GLY B 88 -8.56 -1.06 20.95
N VAL B 89 -8.36 -1.16 19.64
CA VAL B 89 -9.09 -0.34 18.68
C VAL B 89 -10.43 -0.96 18.34
N ALA B 90 -10.44 -2.26 18.05
CA ALA B 90 -11.66 -3.01 17.78
C ALA B 90 -11.83 -3.98 18.96
N LYS B 91 -12.32 -3.44 20.08
CA LYS B 91 -12.45 -4.23 21.29
C LYS B 91 -13.39 -5.41 21.05
N GLY B 92 -12.93 -6.61 21.40
CA GLY B 92 -13.71 -7.80 21.17
C GLY B 92 -13.56 -8.45 19.81
N ALA B 93 -12.75 -7.87 18.92
CA ALA B 93 -12.56 -8.47 17.60
C ALA B 93 -11.88 -9.82 17.70
N SER B 94 -12.30 -10.75 16.85
CA SER B 94 -11.79 -12.12 16.88
C SER B 94 -10.50 -12.22 16.08
N MET B 95 -9.48 -12.84 16.67
CA MET B 95 -8.15 -12.91 16.08
C MET B 95 -7.67 -14.35 15.98
N ARG B 96 -6.79 -14.60 15.01
CA ARG B 96 -6.05 -15.86 14.91
C ARG B 96 -4.59 -15.54 14.60
N SER B 97 -3.68 -16.21 15.31
CA SER B 97 -2.26 -15.88 15.23
C SER B 97 -1.47 -16.99 14.57
N LEU B 98 -0.49 -16.58 13.76
CA LEU B 98 0.51 -17.48 13.17
C LEU B 98 1.88 -17.00 13.62
N ARG B 99 2.72 -17.93 14.06
CA ARG B 99 4.07 -17.60 14.52
C ARG B 99 5.03 -17.71 13.35
N VAL B 100 5.48 -16.55 12.83
CA VAL B 100 6.50 -16.51 11.80
C VAL B 100 7.76 -15.79 12.25
N LEU B 101 7.75 -15.17 13.43
CA LEU B 101 8.92 -14.47 13.95
C LEU B 101 9.43 -15.20 15.18
N ASN B 102 10.73 -15.44 15.24
CA ASN B 102 11.30 -16.15 16.37
C ASN B 102 11.40 -15.21 17.57
N CYS B 103 12.02 -15.69 18.65
CA CYS B 103 12.05 -14.96 19.91
C CYS B 103 12.90 -13.70 19.83
N GLN B 104 13.76 -13.59 18.82
CA GLN B 104 14.55 -12.40 18.58
C GLN B 104 13.88 -11.46 17.58
N GLY B 105 12.60 -11.69 17.27
CA GLY B 105 11.86 -10.83 16.38
C GLY B 105 12.15 -11.03 14.91
N LYS B 106 12.68 -12.19 14.53
CA LYS B 106 13.25 -12.38 13.20
C LYS B 106 12.59 -13.58 12.53
N GLY B 107 12.30 -13.43 11.24
CA GLY B 107 11.69 -14.49 10.46
C GLY B 107 12.29 -14.58 9.06
N THR B 108 11.64 -15.34 8.18
CA THR B 108 12.11 -15.48 6.81
C THR B 108 10.98 -15.15 5.85
N VAL B 109 11.35 -14.84 4.60
CA VAL B 109 10.35 -14.65 3.56
C VAL B 109 9.63 -15.96 3.26
N SER B 110 10.37 -17.08 3.26
CA SER B 110 9.76 -18.38 3.01
C SER B 110 8.74 -18.72 4.07
N GLY B 111 9.06 -18.49 5.35
CA GLY B 111 8.11 -18.75 6.41
C GLY B 111 6.88 -17.87 6.31
N THR B 112 7.07 -16.60 5.91
CA THR B 112 5.94 -15.71 5.72
C THR B 112 5.07 -16.17 4.55
N LEU B 113 5.71 -16.61 3.46
CA LEU B 113 4.97 -17.18 2.34
C LEU B 113 4.10 -18.34 2.80
N ILE B 114 4.71 -19.31 3.50
CA ILE B 114 3.98 -20.49 3.94
C ILE B 114 2.85 -20.11 4.89
N GLY B 115 3.08 -19.12 5.75
CA GLY B 115 2.02 -18.66 6.63
C GLY B 115 0.88 -18.00 5.89
N LEU B 116 1.19 -17.18 4.88
CA LEU B 116 0.14 -16.60 4.05
C LEU B 116 -0.61 -17.68 3.29
N GLU B 117 0.10 -18.71 2.84
CA GLU B 117 -0.55 -19.83 2.19
C GLU B 117 -1.43 -20.60 3.16
N PHE B 118 -1.01 -20.67 4.43
CA PHE B 118 -1.82 -21.32 5.46
C PHE B 118 -3.14 -20.59 5.66
N ILE B 119 -3.13 -19.25 5.60
CA ILE B 119 -4.37 -18.51 5.78
C ILE B 119 -5.34 -18.84 4.66
N ARG B 120 -4.85 -18.84 3.41
CA ARG B 120 -5.70 -19.16 2.26
C ARG B 120 -6.26 -20.58 2.35
N LYS B 121 -5.45 -21.54 2.78
CA LYS B 121 -5.94 -22.91 2.92
C LYS B 121 -6.96 -23.02 4.06
N SER B 122 -6.79 -22.24 5.12
CA SER B 122 -7.80 -22.19 6.18
C SER B 122 -9.13 -21.71 5.61
N GLN B 123 -9.07 -20.64 4.84
CA GLN B 123 -10.27 -20.04 4.26
C GLN B 123 -10.97 -21.02 3.31
N LEU B 124 -10.19 -21.79 2.54
CA LEU B 124 -10.77 -22.74 1.59
C LEU B 124 -11.45 -23.89 2.33
N VAL B 125 -10.85 -24.34 3.44
CA VAL B 125 -11.36 -25.49 4.17
C VAL B 125 -12.61 -25.11 4.96
N GLN B 126 -12.58 -23.97 5.66
CA GLN B 126 -13.70 -23.53 6.51
C GLN B 126 -13.94 -22.05 6.32
N PRO B 127 -14.67 -21.67 5.27
CA PRO B 127 -14.88 -20.25 4.99
C PRO B 127 -15.55 -19.51 6.14
N VAL B 128 -15.14 -18.26 6.32
CA VAL B 128 -15.75 -17.32 7.26
C VAL B 128 -16.11 -16.06 6.49
N GLY B 129 -16.13 -14.91 7.17
CA GLY B 129 -16.48 -13.67 6.52
C GLY B 129 -15.28 -12.93 5.98
N PRO B 130 -15.32 -11.59 6.04
CA PRO B 130 -14.16 -10.80 5.63
C PRO B 130 -12.94 -11.14 6.49
N LEU B 131 -11.78 -11.21 5.84
CA LEU B 131 -10.53 -11.55 6.49
C LEU B 131 -9.57 -10.36 6.39
N VAL B 132 -9.06 -9.93 7.54
CA VAL B 132 -8.04 -8.88 7.61
C VAL B 132 -6.77 -9.53 8.13
N VAL B 133 -5.70 -9.46 7.35
CA VAL B 133 -4.42 -10.06 7.72
C VAL B 133 -3.44 -8.94 8.07
N LEU B 134 -2.95 -8.94 9.30
CA LEU B 134 -1.98 -7.96 9.77
C LEU B 134 -0.58 -8.53 9.58
N LEU B 135 0.28 -7.78 8.90
CA LEU B 135 1.67 -8.19 8.66
C LEU B 135 2.60 -7.16 9.33
N PRO B 136 2.88 -7.34 10.61
CA PRO B 136 3.70 -6.37 11.38
C PRO B 136 5.19 -6.61 11.20
N LEU B 137 5.66 -6.73 9.97
CA LEU B 137 7.03 -7.12 9.70
C LEU B 137 7.47 -6.54 8.37
N ALA B 138 8.79 -6.56 8.15
CA ALA B 138 9.34 -6.07 6.89
C ALA B 138 10.71 -6.68 6.65
N GLY B 139 11.04 -6.81 5.38
CA GLY B 139 12.38 -7.11 4.90
C GLY B 139 12.62 -6.30 3.65
N GLY B 140 13.72 -6.55 2.94
CA GLY B 140 13.94 -5.86 1.68
C GLY B 140 12.88 -6.21 0.65
N TYR B 141 12.85 -5.44 -0.43
CA TYR B 141 11.94 -5.73 -1.53
C TYR B 141 12.06 -7.19 -1.94
N SER B 142 10.91 -7.87 -1.99
CA SER B 142 10.85 -9.29 -2.36
C SER B 142 9.82 -9.47 -3.47
N ARG B 143 10.28 -9.96 -4.62
CA ARG B 143 9.35 -10.23 -5.72
C ARG B 143 8.31 -11.26 -5.31
N VAL B 144 8.72 -12.35 -4.66
CA VAL B 144 7.78 -13.43 -4.39
C VAL B 144 6.82 -13.06 -3.27
N LEU B 145 7.30 -12.38 -2.22
CA LEU B 145 6.40 -11.98 -1.14
C LEU B 145 5.35 -11.01 -1.64
N ASN B 146 5.73 -10.05 -2.49
CA ASN B 146 4.76 -9.12 -3.04
C ASN B 146 3.77 -9.81 -3.97
N ALA B 147 4.25 -10.78 -4.77
CA ALA B 147 3.33 -11.54 -5.62
C ALA B 147 2.31 -12.30 -4.79
N ALA B 148 2.75 -12.89 -3.67
CA ALA B 148 1.86 -13.70 -2.85
C ALA B 148 0.82 -12.84 -2.14
N CYS B 149 1.22 -11.67 -1.67
CA CYS B 149 0.27 -10.73 -1.07
C CYS B 149 -0.75 -10.26 -2.10
N GLN B 150 -0.29 -10.01 -3.33
CA GLN B 150 -1.19 -9.60 -4.41
C GLN B 150 -2.23 -10.67 -4.70
N ARG B 151 -1.79 -11.94 -4.76
CA ARG B 151 -2.74 -13.02 -5.02
C ARG B 151 -3.69 -13.21 -3.85
N LEU B 152 -3.18 -13.15 -2.62
CA LEU B 152 -4.08 -13.21 -1.46
C LEU B 152 -5.11 -12.08 -1.50
N ALA B 153 -4.68 -10.88 -1.92
CA ALA B 153 -5.59 -9.74 -1.98
C ALA B 153 -6.64 -9.91 -3.08
N ARG B 154 -6.22 -10.39 -4.25
CA ARG B 154 -7.17 -10.62 -5.34
C ARG B 154 -8.15 -11.74 -5.01
N ALA B 155 -7.83 -12.60 -4.05
CA ALA B 155 -8.75 -13.62 -3.58
C ALA B 155 -9.71 -13.10 -2.51
N GLY B 156 -9.68 -11.79 -2.21
CA GLY B 156 -10.63 -11.17 -1.32
C GLY B 156 -10.15 -10.83 0.07
N VAL B 157 -8.90 -11.14 0.41
CA VAL B 157 -8.39 -10.89 1.75
C VAL B 157 -7.81 -9.48 1.82
N VAL B 158 -7.98 -8.83 2.98
CA VAL B 158 -7.44 -7.49 3.22
C VAL B 158 -6.13 -7.63 3.98
N LEU B 159 -5.06 -7.06 3.43
CA LEU B 159 -3.74 -7.13 4.03
C LEU B 159 -3.30 -5.74 4.47
N VAL B 160 -2.84 -5.64 5.70
CA VAL B 160 -2.39 -4.39 6.30
C VAL B 160 -0.97 -4.61 6.81
N THR B 161 -0.04 -3.77 6.36
CA THR B 161 1.37 -3.99 6.66
C THR B 161 2.02 -2.74 7.23
N ALA B 162 3.09 -2.96 7.98
CA ALA B 162 3.89 -1.86 8.49
C ALA B 162 4.74 -1.25 7.38
N ALA B 163 4.88 0.08 7.41
CA ALA B 163 5.70 0.75 6.41
C ALA B 163 7.19 0.48 6.59
N GLY B 164 7.62 0.16 7.79
CA GLY B 164 9.03 -0.08 8.06
C GLY B 164 9.65 1.02 8.92
N ASN B 165 10.71 0.67 9.64
CA ASN B 165 11.23 1.47 10.74
C ASN B 165 12.57 2.14 10.43
N PHE B 166 12.90 2.36 9.16
CA PHE B 166 14.27 2.74 8.82
C PHE B 166 14.39 4.13 8.19
N ARG B 167 13.38 4.98 8.35
CA ARG B 167 13.43 6.35 7.81
C ARG B 167 13.78 6.33 6.32
N ASP B 168 13.16 5.42 5.59
CA ASP B 168 13.55 5.11 4.24
C ASP B 168 12.31 5.09 3.35
N ASP B 169 12.50 4.86 2.06
CA ASP B 169 11.39 4.72 1.12
C ASP B 169 10.78 3.33 1.30
N ALA B 170 9.49 3.30 1.64
CA ALA B 170 8.80 2.03 1.87
C ALA B 170 8.75 1.16 0.61
N CYS B 171 8.90 1.77 -0.57
CA CYS B 171 8.91 1.00 -1.81
C CYS B 171 10.11 0.05 -1.87
N LEU B 172 11.12 0.24 -1.02
CA LEU B 172 12.29 -0.61 -1.00
C LEU B 172 12.16 -1.78 -0.04
N TYR B 173 10.98 -1.96 0.57
CA TYR B 173 10.77 -3.01 1.57
C TYR B 173 9.52 -3.80 1.22
N SER B 174 9.45 -5.03 1.73
CA SER B 174 8.28 -5.86 1.54
C SER B 174 7.85 -6.49 2.85
N PRO B 175 6.54 -6.69 3.06
CA PRO B 175 5.47 -6.46 2.08
C PRO B 175 5.00 -5.00 1.93
N ALA B 176 5.73 -4.04 2.51
CA ALA B 176 5.31 -2.64 2.44
C ALA B 176 5.08 -2.19 0.99
N SER B 177 6.01 -2.53 0.10
CA SER B 177 5.89 -2.12 -1.30
C SER B 177 4.84 -2.91 -2.07
N ALA B 178 4.24 -3.94 -1.47
CA ALA B 178 3.39 -4.85 -2.24
C ALA B 178 2.19 -4.09 -2.80
N PRO B 179 1.74 -4.44 -4.01
CA PRO B 179 0.61 -3.74 -4.65
C PRO B 179 -0.60 -3.54 -3.76
N GLU B 180 -1.45 -4.55 -3.69
CA GLU B 180 -2.80 -4.39 -3.14
C GLU B 180 -2.84 -4.65 -1.63
N VAL B 181 -1.95 -3.96 -0.91
CA VAL B 181 -1.93 -3.97 0.54
C VAL B 181 -2.06 -2.54 1.04
N ILE B 182 -2.51 -2.41 2.28
CA ILE B 182 -2.52 -1.13 2.96
C ILE B 182 -1.23 -1.04 3.78
N THR B 183 -0.40 -0.06 3.45
CA THR B 183 0.89 0.16 4.09
C THR B 183 0.76 1.37 5.00
N VAL B 184 1.20 1.24 6.25
CA VAL B 184 0.92 2.22 7.29
C VAL B 184 2.21 2.67 7.96
N GLY B 185 2.46 3.99 7.95
CA GLY B 185 3.54 4.58 8.71
C GLY B 185 3.07 5.09 10.06
N ALA B 186 4.03 5.54 10.87
CA ALA B 186 3.77 5.83 12.28
C ALA B 186 4.00 7.31 12.58
N THR B 187 3.03 7.91 13.27
CA THR B 187 3.14 9.26 13.78
C THR B 187 3.06 9.21 15.31
N ASN B 188 3.43 10.33 15.95
CA ASN B 188 3.44 10.41 17.40
C ASN B 188 2.32 11.34 17.90
N ALA B 189 2.36 11.66 19.20
CA ALA B 189 1.32 12.47 19.81
C ALA B 189 1.29 13.89 19.27
N GLN B 190 2.35 14.34 18.60
CA GLN B 190 2.39 15.65 17.96
C GLN B 190 2.05 15.57 16.48
N ASP B 191 1.43 14.47 16.03
CA ASP B 191 1.11 14.23 14.63
C ASP B 191 2.36 14.32 13.73
N GLN B 192 3.55 14.19 14.30
CA GLN B 192 4.73 14.25 13.46
C GLN B 192 5.32 12.86 13.30
N PRO B 193 6.03 12.60 12.20
CA PRO B 193 6.52 11.24 11.94
C PRO B 193 7.52 10.79 13.00
N VAL B 194 7.37 9.53 13.43
CA VAL B 194 8.24 9.00 14.47
C VAL B 194 9.67 8.95 13.96
N THR B 195 10.59 9.46 14.76
CA THR B 195 12.01 9.45 14.43
C THR B 195 12.80 9.09 15.66
N LEU B 196 13.86 8.30 15.46
CA LEU B 196 14.78 7.94 16.54
C LEU B 196 16.16 7.87 15.92
N GLY B 197 16.82 9.03 15.85
CA GLY B 197 18.10 9.13 15.18
C GLY B 197 17.98 8.74 13.72
N THR B 198 18.76 7.73 13.35
CA THR B 198 18.75 7.13 12.02
C THR B 198 17.47 6.34 11.74
N LEU B 199 16.77 5.91 12.78
CA LEU B 199 15.56 5.11 12.64
C LEU B 199 14.34 6.02 12.66
N GLY B 200 13.20 5.45 12.33
CA GLY B 200 11.99 6.23 12.19
C GLY B 200 11.09 5.65 11.11
N THR B 201 9.90 6.20 11.01
CA THR B 201 8.93 5.66 10.06
C THR B 201 9.42 5.83 8.62
N ASN B 202 9.18 4.80 7.81
CA ASN B 202 9.37 4.93 6.37
C ASN B 202 8.31 5.86 5.80
N PHE B 203 8.46 6.18 4.51
CA PHE B 203 7.62 7.19 3.87
C PHE B 203 7.54 6.88 2.39
N GLY B 204 6.97 7.82 1.61
CA GLY B 204 6.97 7.72 0.17
C GLY B 204 5.62 7.29 -0.39
N ARG B 205 5.61 7.11 -1.71
CA ARG B 205 4.36 6.82 -2.41
C ARG B 205 3.81 5.43 -2.12
N CYS B 206 4.60 4.54 -1.51
CA CYS B 206 4.11 3.20 -1.18
C CYS B 206 3.42 3.15 0.17
N VAL B 207 3.45 4.24 0.94
CA VAL B 207 2.72 4.35 2.19
C VAL B 207 1.33 4.90 1.87
N ASP B 208 0.29 4.25 2.39
CA ASP B 208 -1.06 4.73 2.13
C ASP B 208 -1.53 5.76 3.15
N LEU B 209 -1.10 5.65 4.40
CA LEU B 209 -1.53 6.57 5.44
C LEU B 209 -0.70 6.29 6.70
N PHE B 210 -0.79 7.22 7.65
CA PHE B 210 -0.11 7.08 8.92
C PHE B 210 -1.13 6.84 10.02
N ALA B 211 -0.63 6.39 11.17
CA ALA B 211 -1.46 6.07 12.32
C ALA B 211 -0.61 6.18 13.57
N PRO B 212 -1.23 6.39 14.74
CA PRO B 212 -0.45 6.48 15.97
C PRO B 212 0.50 5.32 16.14
N GLY B 213 1.80 5.59 16.30
CA GLY B 213 2.79 4.53 16.31
C GLY B 213 3.95 4.73 17.26
N GLU B 214 3.84 5.73 18.14
CA GLU B 214 4.82 5.95 19.18
C GLU B 214 4.09 6.04 20.51
N ASP B 215 4.65 5.40 21.54
CA ASP B 215 4.09 5.47 22.88
C ASP B 215 2.65 4.93 22.87
N ILE B 216 2.53 3.69 22.44
CA ILE B 216 1.26 2.99 22.30
C ILE B 216 1.15 1.99 23.42
N ILE B 217 0.24 2.22 24.36
CA ILE B 217 0.09 1.33 25.50
C ILE B 217 -0.70 0.10 25.09
N GLY B 218 -0.27 -1.06 25.57
CA GLY B 218 -0.96 -2.31 25.23
C GLY B 218 -0.49 -3.44 26.12
N ALA B 219 -1.06 -4.62 25.85
CA ALA B 219 -0.82 -5.79 26.69
C ALA B 219 0.66 -6.15 26.74
N SER B 220 1.19 -6.28 27.95
CA SER B 220 2.55 -6.72 28.17
C SER B 220 2.57 -8.20 28.54
N SER B 221 3.44 -8.96 27.89
CA SER B 221 3.57 -10.39 28.14
C SER B 221 4.31 -10.69 29.43
N ASP B 222 4.69 -9.67 30.21
CA ASP B 222 5.32 -9.92 31.50
C ASP B 222 4.37 -10.61 32.47
N CYS B 223 3.09 -10.29 32.39
CA CYS B 223 2.07 -10.76 33.32
C CYS B 223 0.68 -10.59 32.72
N SER B 224 -0.25 -11.42 33.18
CA SER B 224 -1.58 -11.55 32.60
C SER B 224 -2.38 -10.25 32.58
N THR B 225 -1.99 -9.24 33.36
CA THR B 225 -2.76 -8.01 33.48
C THR B 225 -1.88 -6.79 33.28
N CYS B 226 -0.66 -6.98 32.80
CA CYS B 226 0.37 -5.95 32.82
C CYS B 226 0.41 -5.24 31.46
N PHE B 227 0.78 -3.97 31.50
CA PHE B 227 0.73 -3.11 30.32
C PHE B 227 2.10 -2.47 30.06
N VAL B 228 2.44 -2.34 28.79
CA VAL B 228 3.70 -1.72 28.37
C VAL B 228 3.45 -0.78 27.21
N SER B 229 4.28 0.26 27.11
CA SER B 229 4.25 1.20 25.99
C SER B 229 5.30 0.80 24.96
N GLN B 230 4.86 0.58 23.72
CA GLN B 230 5.76 0.21 22.63
C GLN B 230 5.55 1.17 21.47
N SER B 231 6.51 1.15 20.54
CA SER B 231 6.51 2.04 19.38
C SER B 231 6.93 1.29 18.13
N GLY B 232 6.31 1.63 17.00
CA GLY B 232 6.64 0.98 15.75
C GLY B 232 5.63 1.25 14.65
N THR B 233 6.03 1.05 13.40
CA THR B 233 5.05 1.08 12.33
C THR B 233 4.11 -0.13 12.41
N SER B 234 4.52 -1.19 13.12
CA SER B 234 3.59 -2.29 13.41
C SER B 234 2.44 -1.81 14.30
N GLN B 235 2.75 -1.02 15.33
CA GLN B 235 1.68 -0.48 16.19
C GLN B 235 0.74 0.39 15.38
N ALA B 236 1.30 1.20 14.48
CA ALA B 236 0.47 1.99 13.58
C ALA B 236 -0.39 1.11 12.68
N ALA B 237 0.21 0.06 12.11
CA ALA B 237 -0.57 -0.81 11.23
C ALA B 237 -1.67 -1.55 11.98
N ALA B 238 -1.43 -1.85 13.27
CA ALA B 238 -2.46 -2.50 14.08
C ALA B 238 -3.66 -1.57 14.29
N HIS B 239 -3.42 -0.26 14.41
CA HIS B 239 -4.55 0.67 14.48
C HIS B 239 -5.40 0.59 13.21
N VAL B 240 -4.74 0.54 12.05
CA VAL B 240 -5.46 0.46 10.79
C VAL B 240 -6.18 -0.87 10.65
N ALA B 241 -5.54 -1.96 11.08
CA ALA B 241 -6.20 -3.26 11.04
C ALA B 241 -7.46 -3.28 11.90
N GLY B 242 -7.42 -2.59 13.05
CA GLY B 242 -8.61 -2.49 13.87
C GLY B 242 -9.70 -1.63 13.23
N ILE B 243 -9.32 -0.49 12.66
CA ILE B 243 -10.27 0.36 11.97
C ILE B 243 -10.89 -0.38 10.79
N ALA B 244 -10.05 -1.06 9.99
CA ALA B 244 -10.54 -1.83 8.86
C ALA B 244 -11.50 -2.92 9.30
N ALA B 245 -11.19 -3.60 10.41
CA ALA B 245 -12.08 -4.66 10.89
C ALA B 245 -13.44 -4.11 11.25
N MET B 246 -13.50 -2.92 11.85
CA MET B 246 -14.78 -2.30 12.16
C MET B 246 -15.48 -1.83 10.89
N MET B 247 -14.73 -1.27 9.94
CA MET B 247 -15.33 -0.85 8.67
C MET B 247 -15.93 -2.05 7.94
N LEU B 248 -15.25 -3.20 7.99
CA LEU B 248 -15.74 -4.37 7.29
C LEU B 248 -16.90 -5.02 8.02
N SER B 249 -17.03 -4.82 9.32
CA SER B 249 -18.21 -5.30 10.02
C SER B 249 -19.44 -4.47 9.66
N ALA B 250 -19.27 -3.15 9.50
CA ALA B 250 -20.38 -2.31 9.08
C ALA B 250 -20.73 -2.52 7.61
N GLU B 251 -19.72 -2.78 6.77
CA GLU B 251 -19.94 -3.00 5.34
C GLU B 251 -19.14 -4.22 4.91
N PRO B 252 -19.66 -5.41 5.15
CA PRO B 252 -18.91 -6.64 4.82
C PRO B 252 -18.67 -6.82 3.33
N GLU B 253 -19.45 -6.16 2.47
CA GLU B 253 -19.29 -6.27 1.02
C GLU B 253 -18.17 -5.41 0.46
N LEU B 254 -17.50 -4.62 1.30
CA LEU B 254 -16.48 -3.70 0.79
C LEU B 254 -15.37 -4.45 0.07
N THR B 255 -15.02 -3.96 -1.11
CA THR B 255 -13.80 -4.42 -1.75
C THR B 255 -12.59 -3.69 -1.16
N LEU B 256 -11.40 -4.18 -1.50
CA LEU B 256 -10.18 -3.56 -0.99
C LEU B 256 -10.07 -2.11 -1.43
N ALA B 257 -10.39 -1.83 -2.70
CA ALA B 257 -10.36 -0.46 -3.17
C ALA B 257 -11.40 0.40 -2.48
N GLU B 258 -12.54 -0.20 -2.11
CA GLU B 258 -13.56 0.55 -1.39
C GLU B 258 -13.11 0.84 0.04
N LEU B 259 -12.46 -0.15 0.69
CA LEU B 259 -11.99 0.04 2.05
C LEU B 259 -10.87 1.07 2.11
N ARG B 260 -9.93 1.00 1.16
CA ARG B 260 -8.82 1.96 1.15
C ARG B 260 -9.34 3.38 0.93
N GLN B 261 -10.35 3.54 0.08
CA GLN B 261 -10.90 4.88 -0.15
C GLN B 261 -11.56 5.43 1.11
N ARG B 262 -12.14 4.55 1.94
CA ARG B 262 -12.76 5.00 3.18
C ARG B 262 -11.72 5.38 4.22
N LEU B 263 -10.67 4.55 4.35
CA LEU B 263 -9.57 4.87 5.27
C LEU B 263 -8.99 6.24 4.96
N ILE B 264 -8.77 6.53 3.67
CA ILE B 264 -8.27 7.83 3.26
C ILE B 264 -9.29 8.91 3.58
N HIS B 265 -10.55 8.69 3.20
CA HIS B 265 -11.57 9.72 3.34
C HIS B 265 -11.79 10.11 4.81
N PHE B 266 -11.67 9.16 5.73
CA PHE B 266 -11.94 9.44 7.13
C PHE B 266 -10.70 9.81 7.93
N SER B 267 -9.52 9.79 7.31
CA SER B 267 -8.28 10.20 7.94
C SER B 267 -8.31 11.69 8.28
N ALA B 268 -7.50 12.06 9.26
CA ALA B 268 -7.18 13.47 9.44
C ALA B 268 -6.19 13.89 8.35
N LYS B 269 -6.44 15.06 7.77
CA LYS B 269 -5.69 15.55 6.62
C LYS B 269 -4.77 16.69 7.01
N ASP B 270 -3.56 16.68 6.43
CA ASP B 270 -2.64 17.83 6.47
C ASP B 270 -2.26 18.20 7.91
N VAL B 271 -2.13 17.20 8.78
CA VAL B 271 -1.68 17.45 10.15
C VAL B 271 -0.21 17.11 10.34
N ILE B 272 0.41 16.36 9.43
CA ILE B 272 1.79 15.94 9.58
C ILE B 272 2.70 17.05 9.07
N ASN B 273 3.70 17.39 9.88
CA ASN B 273 4.75 18.33 9.48
C ASN B 273 5.66 17.61 8.49
N GLU B 274 5.47 17.86 7.19
CA GLU B 274 6.20 17.09 6.20
C GLU B 274 7.68 17.46 6.12
N ALA B 275 8.10 18.51 6.84
CA ALA B 275 9.51 18.87 6.87
C ALA B 275 10.40 17.76 7.40
N TRP B 276 9.81 16.78 8.09
CA TRP B 276 10.62 15.66 8.58
C TRP B 276 11.03 14.73 7.43
N PHE B 277 10.26 14.71 6.34
CA PHE B 277 10.54 13.86 5.19
C PHE B 277 11.57 14.52 4.28
N PRO B 278 12.38 13.71 3.59
CA PRO B 278 13.25 14.25 2.55
C PRO B 278 12.44 15.01 1.51
N GLU B 279 13.07 16.05 0.94
CA GLU B 279 12.35 17.00 0.09
C GLU B 279 11.61 16.30 -1.05
N ASP B 280 12.28 15.39 -1.75
CA ASP B 280 11.67 14.73 -2.90
C ASP B 280 10.53 13.78 -2.51
N GLN B 281 10.31 13.54 -1.22
CA GLN B 281 9.31 12.59 -0.76
C GLN B 281 8.08 13.25 -0.18
N ARG B 282 8.06 14.58 -0.05
CA ARG B 282 6.92 15.25 0.56
C ARG B 282 5.69 15.24 -0.36
N VAL B 283 5.89 15.34 -1.68
CA VAL B 283 4.74 15.27 -2.57
C VAL B 283 4.24 13.84 -2.67
N LEU B 284 5.14 12.85 -2.53
CA LEU B 284 4.76 11.46 -2.72
C LEU B 284 4.17 10.82 -1.47
N THR B 285 4.37 11.42 -0.30
CA THR B 285 3.96 10.80 0.96
C THR B 285 2.60 11.33 1.39
N PRO B 286 1.61 10.47 1.61
CA PRO B 286 0.28 10.96 2.00
C PRO B 286 0.31 11.60 3.39
N ASN B 287 -0.24 12.80 3.48
CA ASN B 287 -0.41 13.48 4.76
C ASN B 287 -1.75 13.10 5.38
N LEU B 288 -1.82 11.86 5.88
CA LEU B 288 -3.03 11.28 6.45
C LEU B 288 -2.72 10.59 7.77
N VAL B 289 -3.56 10.82 8.77
CA VAL B 289 -3.51 10.08 10.02
C VAL B 289 -4.84 9.39 10.20
N ALA B 290 -4.80 8.07 10.35
CA ALA B 290 -6.00 7.24 10.32
C ALA B 290 -6.97 7.64 11.44
N ALA B 291 -8.24 7.34 11.21
CA ALA B 291 -9.30 7.67 12.16
C ALA B 291 -10.51 6.79 11.88
N LEU B 292 -11.30 6.55 12.92
CA LEU B 292 -12.52 5.78 12.73
C LEU B 292 -13.56 6.62 11.98
N PRO B 293 -14.48 5.97 11.27
CA PRO B 293 -15.58 6.74 10.67
C PRO B 293 -16.53 7.22 11.73
N PRO B 294 -17.25 8.32 11.48
CA PRO B 294 -18.35 8.68 12.38
C PRO B 294 -19.49 7.69 12.18
N SER B 295 -20.07 7.25 13.30
CA SER B 295 -21.19 6.31 13.31
C SER B 295 -20.76 4.92 12.85
N GLN B 302 -21.90 8.16 -2.28
CA GLN B 302 -20.95 9.26 -2.16
C GLN B 302 -19.71 9.02 -3.00
N LEU B 303 -19.09 10.11 -3.46
CA LEU B 303 -17.97 10.02 -4.41
C LEU B 303 -16.65 10.05 -3.63
N PHE B 304 -15.95 8.92 -3.63
CA PHE B 304 -14.62 8.81 -3.04
C PHE B 304 -13.58 8.91 -4.15
N CYS B 305 -12.54 9.71 -3.92
CA CYS B 305 -11.42 9.82 -4.85
C CYS B 305 -10.10 9.78 -4.08
N ARG B 306 -9.06 9.32 -4.76
CA ARG B 306 -7.73 9.31 -4.17
C ARG B 306 -6.71 9.64 -5.25
N THR B 307 -5.61 10.23 -4.81
CA THR B 307 -4.49 10.58 -5.68
C THR B 307 -3.49 9.42 -5.70
N VAL B 308 -3.09 9.00 -6.90
CA VAL B 308 -2.12 7.92 -7.07
C VAL B 308 -0.92 8.48 -7.81
N TRP B 309 0.25 8.40 -7.19
CA TRP B 309 1.50 8.85 -7.80
C TRP B 309 2.24 7.68 -8.42
N SER B 310 2.80 7.91 -9.60
CA SER B 310 3.63 6.95 -10.28
C SER B 310 5.07 7.03 -9.79
N ALA B 311 5.88 6.07 -10.22
CA ALA B 311 7.32 6.21 -10.05
C ALA B 311 7.87 7.17 -11.08
N HIS B 312 9.09 7.65 -10.84
CA HIS B 312 9.76 8.55 -11.77
C HIS B 312 9.95 7.85 -13.12
N SER B 313 10.12 8.68 -14.16
CA SER B 313 10.20 8.19 -15.54
C SER B 313 11.63 8.03 -16.05
N GLY B 314 12.55 8.90 -15.63
CA GLY B 314 13.88 8.92 -16.19
C GLY B 314 14.06 10.13 -17.08
N PRO B 315 15.30 10.40 -17.51
CA PRO B 315 15.57 11.64 -18.24
C PRO B 315 15.62 11.50 -19.76
N THR B 316 15.09 10.41 -20.31
CA THR B 316 14.91 10.33 -21.75
C THR B 316 13.90 11.38 -22.21
N ARG B 317 14.08 11.88 -23.43
CA ARG B 317 13.10 12.84 -23.91
C ARG B 317 11.78 12.18 -24.30
N MET B 318 11.76 10.86 -24.52
CA MET B 318 10.52 10.11 -24.74
C MET B 318 10.16 9.22 -23.53
N ALA B 319 10.86 9.38 -22.40
CA ALA B 319 10.53 8.59 -21.21
C ALA B 319 9.12 8.92 -20.72
N THR B 320 8.32 7.90 -20.43
CA THR B 320 6.99 8.09 -19.90
C THR B 320 6.87 7.48 -18.51
N ALA B 321 5.87 7.97 -17.76
CA ALA B 321 5.54 7.48 -16.44
C ALA B 321 4.04 7.19 -16.38
N ILE B 322 3.67 6.14 -15.66
CA ILE B 322 2.31 5.60 -15.71
C ILE B 322 1.77 5.42 -14.30
N ALA B 323 0.65 6.06 -14.00
CA ALA B 323 -0.10 5.87 -12.76
C ALA B 323 -1.43 5.22 -13.09
N ARG B 324 -1.81 4.19 -12.33
CA ARG B 324 -3.01 3.42 -12.60
C ARG B 324 -3.91 3.33 -11.38
N CYS B 325 -5.17 3.00 -11.62
CA CYS B 325 -6.20 2.84 -10.61
C CYS B 325 -6.40 1.37 -10.29
N ALA B 326 -7.25 1.12 -9.29
CA ALA B 326 -7.64 -0.22 -8.94
C ALA B 326 -8.69 -0.73 -9.93
N PRO B 327 -8.83 -2.05 -10.07
CA PRO B 327 -9.75 -2.60 -11.07
C PRO B 327 -11.18 -2.07 -10.99
N ASP B 328 -11.73 -1.86 -9.79
CA ASP B 328 -13.08 -1.32 -9.69
C ASP B 328 -13.11 0.21 -9.57
N GLU B 329 -11.96 0.86 -9.73
CA GLU B 329 -11.89 2.32 -9.66
C GLU B 329 -11.91 2.93 -11.05
N GLU B 330 -12.53 4.10 -11.16
CA GLU B 330 -12.49 4.89 -12.37
C GLU B 330 -11.36 5.90 -12.30
N LEU B 331 -10.76 6.19 -13.45
CA LEU B 331 -9.75 7.23 -13.59
C LEU B 331 -10.45 8.48 -14.10
N LEU B 332 -10.63 9.46 -13.22
CA LEU B 332 -11.39 10.65 -13.58
C LEU B 332 -10.50 11.84 -13.98
N SER B 333 -9.18 11.75 -13.76
CA SER B 333 -8.30 12.81 -14.22
C SER B 333 -6.86 12.33 -14.14
N CYS B 334 -5.97 13.18 -14.65
CA CYS B 334 -4.57 12.81 -14.84
C CYS B 334 -3.79 14.11 -14.98
N SER B 335 -2.74 14.27 -14.18
CA SER B 335 -1.85 15.42 -14.31
C SER B 335 -0.42 14.94 -14.21
N SER B 336 0.53 15.87 -14.19
CA SER B 336 1.94 15.50 -14.16
C SER B 336 2.71 16.55 -13.39
N PHE B 337 3.92 16.19 -12.98
CA PHE B 337 4.78 17.09 -12.22
C PHE B 337 6.24 16.78 -12.53
N SER B 338 7.01 17.83 -12.82
CA SER B 338 8.46 17.74 -12.92
C SER B 338 9.06 18.87 -12.10
N ARG B 339 10.00 18.53 -11.22
CA ARG B 339 10.72 19.57 -10.49
C ARG B 339 11.53 20.44 -11.45
N SER B 340 11.99 19.85 -12.56
CA SER B 340 12.71 20.63 -13.55
C SER B 340 11.81 21.65 -14.22
N GLY B 341 10.50 21.38 -14.28
CA GLY B 341 9.60 22.10 -15.13
C GLY B 341 9.66 21.68 -16.59
N LYS B 342 10.65 20.89 -16.98
CA LYS B 342 10.81 20.46 -18.36
C LYS B 342 9.97 19.20 -18.57
N ARG B 343 8.72 19.42 -18.98
CA ARG B 343 7.77 18.34 -19.23
C ARG B 343 6.89 18.70 -20.41
N ARG B 344 6.36 17.68 -21.06
CA ARG B 344 5.50 17.87 -22.24
C ARG B 344 4.05 17.49 -21.96
N GLY B 345 3.64 17.45 -20.71
CA GLY B 345 2.25 17.19 -20.37
C GLY B 345 1.96 15.72 -20.12
N GLU B 346 0.67 15.40 -20.18
CA GLU B 346 0.21 14.06 -19.84
C GLU B 346 -1.04 13.75 -20.67
N ARG B 347 -1.47 12.49 -20.60
CA ARG B 347 -2.61 12.03 -21.38
C ARG B 347 -3.21 10.79 -20.73
N MET B 348 -4.50 10.57 -21.00
CA MET B 348 -5.21 9.39 -20.57
C MET B 348 -5.41 8.45 -21.75
N GLU B 349 -5.17 7.16 -21.54
CA GLU B 349 -5.25 6.19 -22.62
C GLU B 349 -5.56 4.82 -22.04
N ALA B 350 -6.23 3.99 -22.85
CA ALA B 350 -6.61 2.66 -22.41
C ALA B 350 -5.44 1.69 -22.54
N GLN B 351 -5.40 0.72 -21.63
CA GLN B 351 -4.36 -0.30 -21.61
C GLN B 351 -4.96 -1.52 -20.94
N GLY B 352 -5.12 -2.61 -21.71
CA GLY B 352 -5.76 -3.80 -21.17
C GLY B 352 -7.20 -3.60 -20.81
N GLY B 353 -7.92 -2.72 -21.50
CA GLY B 353 -9.31 -2.47 -21.20
C GLY B 353 -9.54 -1.59 -19.98
N LYS B 354 -8.62 -0.68 -19.69
CA LYS B 354 -8.70 0.17 -18.50
C LYS B 354 -7.97 1.46 -18.77
N LEU B 355 -8.53 2.57 -18.31
CA LEU B 355 -7.92 3.87 -18.52
C LEU B 355 -6.71 4.06 -17.61
N VAL B 356 -5.68 4.72 -18.15
CA VAL B 356 -4.38 4.84 -17.51
C VAL B 356 -3.87 6.27 -17.70
N CYS B 357 -3.02 6.73 -16.78
CA CYS B 357 -2.49 8.10 -16.82
C CYS B 357 -1.02 8.06 -17.24
N ARG B 358 -0.74 8.58 -18.44
CA ARG B 358 0.60 8.58 -19.03
C ARG B 358 1.15 10.00 -19.03
N ALA B 359 2.37 10.18 -18.51
CA ALA B 359 3.02 11.49 -18.45
C ALA B 359 4.31 11.46 -19.27
N HIS B 360 4.66 12.62 -19.84
CA HIS B 360 5.75 12.71 -20.81
C HIS B 360 6.84 13.65 -20.34
N ASN B 361 8.09 13.19 -20.47
CA ASN B 361 9.28 13.98 -20.19
C ASN B 361 9.61 14.88 -21.37
N ALA B 362 10.19 16.03 -21.08
CA ALA B 362 10.71 16.89 -22.14
C ALA B 362 12.16 16.52 -22.40
N GLY B 365 15.10 17.57 -19.29
CA GLY B 365 14.25 17.21 -18.16
C GLY B 365 14.71 15.97 -17.43
N GLU B 366 14.88 16.09 -16.11
CA GLU B 366 15.31 14.95 -15.31
C GLU B 366 14.30 13.81 -15.32
N GLY B 367 13.02 14.11 -15.55
CA GLY B 367 11.97 13.11 -15.50
C GLY B 367 10.68 13.66 -14.94
N VAL B 368 9.61 12.87 -14.99
CA VAL B 368 8.28 13.33 -14.58
C VAL B 368 7.58 12.24 -13.80
N TYR B 369 6.55 12.65 -13.05
CA TYR B 369 5.59 11.74 -12.44
C TYR B 369 4.26 11.87 -13.14
N ALA B 370 3.55 10.75 -13.28
CA ALA B 370 2.13 10.78 -13.61
C ALA B 370 1.32 10.72 -12.32
N ILE B 371 0.28 11.55 -12.23
CA ILE B 371 -0.52 11.70 -11.02
C ILE B 371 -1.97 11.42 -11.38
N ALA B 372 -2.45 10.24 -10.99
CA ALA B 372 -3.80 9.82 -11.31
C ALA B 372 -4.76 10.19 -10.19
N ARG B 373 -6.02 10.43 -10.56
CA ARG B 373 -7.10 10.62 -9.61
C ARG B 373 -8.09 9.48 -9.82
N CYS B 374 -8.11 8.54 -8.87
CA CYS B 374 -8.90 7.32 -8.98
C CYS B 374 -10.09 7.38 -8.04
N CYS B 375 -11.28 7.10 -8.56
CA CYS B 375 -12.53 7.35 -7.85
C CYS B 375 -13.47 6.15 -7.97
N LEU B 376 -14.28 5.98 -6.93
CA LEU B 376 -15.34 4.96 -6.89
C LEU B 376 -16.64 5.65 -7.33
N LEU B 377 -17.04 5.42 -8.58
CA LEU B 377 -18.29 5.97 -9.11
C LEU B 377 -19.14 4.85 -9.66
N PRO B 378 -19.95 4.20 -8.81
CA PRO B 378 -20.86 3.17 -9.30
C PRO B 378 -21.96 3.75 -10.17
N GLN B 379 -22.49 2.92 -11.05
CA GLN B 379 -23.50 3.33 -12.04
C GLN B 379 -22.97 4.46 -12.91
N ALA B 380 -21.79 4.24 -13.51
CA ALA B 380 -21.12 5.30 -14.25
C ALA B 380 -20.20 4.73 -15.33
N ASN B 381 -20.38 5.19 -16.57
CA ASN B 381 -19.53 4.85 -17.70
C ASN B 381 -18.64 6.05 -18.04
N CYS B 382 -17.34 5.84 -18.16
CA CYS B 382 -16.44 6.96 -18.42
C CYS B 382 -15.61 6.72 -19.68
N SER B 383 -15.14 7.81 -20.26
CA SER B 383 -14.54 7.83 -21.59
C SER B 383 -13.48 8.94 -21.64
N VAL B 384 -12.65 8.89 -22.68
CA VAL B 384 -11.70 9.95 -22.99
C VAL B 384 -12.07 10.56 -24.34
N HIS B 385 -11.99 11.88 -24.43
CA HIS B 385 -12.21 12.60 -25.67
C HIS B 385 -10.97 13.45 -25.96
N THR B 386 -10.23 13.06 -27.00
CA THR B 386 -8.98 13.71 -27.39
C THR B 386 -9.25 14.69 -28.53
N ALA B 387 -8.95 15.96 -28.30
CA ALA B 387 -9.28 17.01 -29.25
C ALA B 387 -8.41 18.22 -28.95
N PRO B 388 -8.33 19.19 -29.86
CA PRO B 388 -7.63 20.44 -29.54
C PRO B 388 -8.39 21.26 -28.51
N PRO B 389 -7.71 22.15 -27.78
CA PRO B 389 -8.38 23.03 -26.81
C PRO B 389 -9.30 24.07 -27.47
N THR B 396 -15.06 28.06 -29.44
CA THR B 396 -15.51 27.88 -28.06
C THR B 396 -16.33 26.59 -27.92
N ARG B 397 -15.63 25.46 -28.02
CA ARG B 397 -16.26 24.15 -28.16
C ARG B 397 -16.46 23.49 -26.79
N VAL B 398 -16.89 22.23 -26.80
CA VAL B 398 -17.15 21.45 -25.60
C VAL B 398 -16.58 20.06 -25.79
N HIS B 399 -15.89 19.53 -24.78
CA HIS B 399 -15.15 18.29 -24.90
C HIS B 399 -15.87 17.07 -24.34
N CYS B 400 -17.11 17.20 -23.85
CA CYS B 400 -17.89 16.04 -23.40
C CYS B 400 -19.29 16.24 -23.94
N HIS B 401 -19.46 15.85 -25.20
CA HIS B 401 -20.55 16.53 -25.86
C HIS B 401 -21.83 15.78 -25.73
N GLN B 402 -21.74 14.49 -25.41
CA GLN B 402 -22.87 13.64 -25.15
C GLN B 402 -23.78 14.19 -24.05
N GLN B 403 -25.02 13.71 -24.04
CA GLN B 403 -26.04 14.18 -23.13
C GLN B 403 -25.95 13.44 -21.80
N GLY B 404 -26.16 14.18 -20.71
CA GLY B 404 -26.04 13.58 -19.39
C GLY B 404 -24.62 13.21 -19.01
N HIS B 405 -23.64 13.91 -19.57
CA HIS B 405 -22.24 13.63 -19.33
C HIS B 405 -21.57 14.83 -18.68
N VAL B 406 -20.71 14.56 -17.71
CA VAL B 406 -19.96 15.61 -17.03
C VAL B 406 -18.48 15.45 -17.34
N LEU B 407 -17.79 16.58 -17.41
CA LEU B 407 -16.34 16.61 -17.54
C LEU B 407 -15.70 16.49 -16.17
N THR B 408 -14.95 15.41 -15.93
CA THR B 408 -14.30 15.20 -14.64
C THR B 408 -12.81 15.54 -14.63
N GLY B 409 -12.15 15.62 -15.78
CA GLY B 409 -10.73 15.94 -15.81
C GLY B 409 -10.25 16.40 -17.17
N CYS B 410 -9.33 17.36 -17.19
CA CYS B 410 -8.77 17.92 -18.42
C CYS B 410 -7.25 17.71 -18.42
N SER B 411 -6.78 16.72 -19.18
CA SER B 411 -5.34 16.53 -19.39
C SER B 411 -4.88 17.33 -20.61
N SER B 412 -3.57 17.37 -20.81
CA SER B 412 -3.00 18.09 -21.94
C SER B 412 -1.55 17.68 -22.15
N HIS B 413 -1.18 17.46 -23.41
CA HIS B 413 0.20 17.14 -23.78
C HIS B 413 0.53 17.86 -25.08
N TRP B 414 1.82 18.13 -25.27
CA TRP B 414 2.31 18.80 -26.47
C TRP B 414 3.54 18.07 -26.99
N GLU B 415 3.88 18.33 -28.26
CA GLU B 415 4.91 17.54 -28.92
C GLU B 415 6.30 18.17 -28.90
N VAL B 416 6.44 19.47 -29.13
CA VAL B 416 7.76 20.11 -29.01
C VAL B 416 7.72 21.09 -27.86
N GLU B 417 8.92 21.46 -27.39
CA GLU B 417 9.17 21.92 -26.04
C GLU B 417 9.15 23.44 -25.89
N ASP B 418 8.20 24.13 -26.53
CA ASP B 418 7.83 25.50 -26.19
C ASP B 418 6.66 25.95 -27.05
N GLN B 432 -19.00 27.68 -18.71
CA GLN B 432 -18.37 26.82 -19.71
C GLN B 432 -17.77 25.54 -19.10
N PRO B 433 -18.63 24.72 -18.41
CA PRO B 433 -18.11 23.70 -17.49
C PRO B 433 -17.54 22.43 -18.12
N ASN B 434 -17.93 22.08 -19.34
CA ASN B 434 -17.51 20.82 -19.95
C ASN B 434 -16.53 21.04 -21.12
N GLN B 435 -15.68 22.05 -20.99
CA GLN B 435 -14.65 22.31 -21.98
C GLN B 435 -13.30 22.45 -21.28
N CYS B 436 -12.24 22.08 -22.00
CA CYS B 436 -10.88 22.20 -21.52
C CYS B 436 -10.20 23.33 -22.27
N VAL B 437 -9.47 24.17 -21.55
CA VAL B 437 -8.75 25.29 -22.13
C VAL B 437 -7.28 24.92 -22.25
N GLY B 438 -6.60 25.54 -23.21
CA GLY B 438 -5.20 25.29 -23.46
C GLY B 438 -4.75 26.09 -24.65
N HIS B 439 -3.44 26.05 -24.89
CA HIS B 439 -2.85 26.82 -25.98
C HIS B 439 -2.81 26.00 -27.28
N GLU B 441 -1.50 24.27 -29.90
CA GLU B 441 -0.24 23.54 -29.99
C GLU B 441 -0.23 22.34 -29.04
N ALA B 442 -1.13 22.36 -28.07
CA ALA B 442 -1.33 21.23 -27.18
C ALA B 442 -2.54 20.42 -27.64
N SER B 443 -2.61 19.19 -27.17
CA SER B 443 -3.76 18.32 -27.41
C SER B 443 -4.41 17.98 -26.08
N ILE B 444 -5.74 18.01 -26.06
CA ILE B 444 -6.54 17.86 -24.84
C ILE B 444 -6.98 16.40 -24.71
N HIS B 445 -7.00 15.90 -23.48
CA HIS B 445 -7.56 14.58 -23.18
C HIS B 445 -8.55 14.74 -22.04
N ALA B 446 -9.82 14.90 -22.39
CA ALA B 446 -10.88 15.11 -21.42
C ALA B 446 -11.48 13.78 -20.98
N SER B 447 -11.75 13.68 -19.69
CA SER B 447 -12.46 12.54 -19.12
C SER B 447 -13.93 12.93 -18.96
N CYS B 448 -14.82 12.19 -19.63
CA CYS B 448 -16.25 12.48 -19.62
C CYS B 448 -16.98 11.27 -19.05
N CYS B 449 -17.83 11.51 -18.07
CA CYS B 449 -18.44 10.40 -17.35
C CYS B 449 -19.95 10.39 -17.47
N HIS B 450 -20.47 9.19 -17.74
CA HIS B 450 -21.88 8.83 -17.65
C HIS B 450 -22.26 8.78 -16.17
N ALA B 451 -23.05 9.75 -15.69
CA ALA B 451 -23.37 9.74 -14.27
C ALA B 451 -24.62 10.57 -13.98
N PRO B 452 -25.81 9.95 -13.99
CA PRO B 452 -27.04 10.75 -13.81
C PRO B 452 -27.16 11.39 -12.45
N GLY B 453 -26.61 10.78 -11.41
CA GLY B 453 -26.67 11.35 -10.08
C GLY B 453 -25.54 12.31 -9.74
N LEU B 454 -24.71 12.69 -10.70
CA LEU B 454 -23.51 13.45 -10.43
C LEU B 454 -23.65 14.89 -10.90
N GLU B 455 -23.03 15.80 -10.15
CA GLU B 455 -22.97 17.21 -10.47
C GLU B 455 -21.53 17.65 -10.33
N CYS B 456 -21.02 18.37 -11.32
CA CYS B 456 -19.64 18.86 -11.26
C CYS B 456 -19.61 20.35 -11.54
N LYS B 457 -18.73 21.04 -10.82
CA LYS B 457 -18.51 22.47 -10.96
C LYS B 457 -17.02 22.73 -11.08
N VAL B 458 -16.66 23.73 -11.87
CA VAL B 458 -15.27 24.07 -12.12
C VAL B 458 -14.94 25.36 -11.39
N LYS B 459 -13.88 25.32 -10.62
CA LYS B 459 -13.38 26.46 -9.86
C LYS B 459 -11.90 26.52 -10.20
N GLU B 460 -11.45 27.71 -10.61
CA GLU B 460 -10.06 28.09 -10.90
C GLU B 460 -9.63 29.12 -9.84
N HIS B 461 -8.33 29.44 -9.77
CA HIS B 461 -7.90 30.56 -8.91
C HIS B 461 -6.63 31.13 -9.52
N GLY B 462 -6.67 32.41 -9.89
CA GLY B 462 -5.59 33.04 -10.61
C GLY B 462 -4.85 34.07 -9.77
N ILE B 463 -3.53 34.09 -9.90
CA ILE B 463 -2.73 35.10 -9.19
C ILE B 463 -2.00 36.02 -10.17
N GLN B 467 4.55 32.07 -9.38
CA GLN B 467 4.81 31.91 -7.96
C GLN B 467 4.76 30.43 -7.57
N GLU B 468 5.57 30.04 -6.57
CA GLU B 468 5.93 28.64 -6.42
C GLU B 468 4.73 27.74 -6.14
N GLN B 469 3.65 28.25 -5.52
CA GLN B 469 2.54 27.37 -5.19
C GLN B 469 1.23 28.14 -5.10
N VAL B 470 0.30 27.84 -6.01
CA VAL B 470 -1.07 28.36 -5.96
C VAL B 470 -1.99 27.19 -5.71
N THR B 471 -2.97 27.37 -4.83
CA THR B 471 -3.89 26.29 -4.53
C THR B 471 -5.33 26.78 -4.57
N VAL B 472 -6.21 25.91 -5.03
CA VAL B 472 -7.65 26.13 -4.98
C VAL B 472 -8.27 24.85 -4.47
N ALA B 473 -9.31 24.96 -3.65
CA ALA B 473 -9.87 23.83 -2.94
C ALA B 473 -11.34 23.68 -3.26
N CYS B 474 -11.80 22.43 -3.35
CA CYS B 474 -13.23 22.18 -3.45
C CYS B 474 -13.93 22.60 -2.17
N GLU B 475 -15.21 22.90 -2.30
CA GLU B 475 -15.99 23.21 -1.12
C GLU B 475 -16.34 21.93 -0.36
N GLU B 476 -16.74 22.10 0.88
CA GLU B 476 -17.03 20.98 1.76
C GLU B 476 -18.32 20.29 1.29
N GLY B 477 -18.24 18.98 1.12
CA GLY B 477 -19.27 18.22 0.45
C GLY B 477 -18.96 17.90 -0.99
N TRP B 478 -17.95 18.54 -1.58
CA TRP B 478 -17.53 18.30 -2.95
C TRP B 478 -16.22 17.51 -2.98
N THR B 479 -16.05 16.71 -4.01
CA THR B 479 -14.88 15.87 -4.18
C THR B 479 -14.06 16.37 -5.36
N LEU B 480 -12.77 16.60 -5.14
CA LEU B 480 -11.88 17.00 -6.22
C LEU B 480 -11.67 15.82 -7.15
N THR B 481 -12.13 15.95 -8.39
CA THR B 481 -11.91 14.92 -9.39
C THR B 481 -10.81 15.28 -10.38
N GLY B 482 -10.52 16.56 -10.58
CA GLY B 482 -9.51 16.97 -11.53
C GLY B 482 -8.76 18.22 -11.12
N CYS B 483 -7.46 18.27 -11.40
CA CYS B 483 -6.64 19.41 -11.03
C CYS B 483 -5.66 19.69 -12.16
N SER B 484 -5.64 20.93 -12.64
CA SER B 484 -4.76 21.32 -13.73
C SER B 484 -4.45 22.80 -13.62
N ALA B 485 -3.46 23.23 -14.38
CA ALA B 485 -3.03 24.62 -14.42
C ALA B 485 -3.34 25.23 -15.77
N LEU B 486 -3.53 26.55 -15.78
CA LEU B 486 -3.68 27.28 -17.04
C LEU B 486 -2.43 28.08 -17.29
N PRO B 487 -1.78 27.91 -18.44
CA PRO B 487 -0.45 28.53 -18.65
C PRO B 487 -0.54 30.05 -18.72
N GLY B 488 0.51 30.71 -18.21
CA GLY B 488 0.59 32.15 -18.26
C GLY B 488 1.99 32.70 -18.29
N THR B 489 2.25 33.70 -17.42
CA THR B 489 3.59 34.30 -17.35
C THR B 489 4.62 33.30 -16.86
N SER B 490 4.30 32.60 -15.77
CA SER B 490 5.22 31.68 -15.13
C SER B 490 5.24 30.34 -15.86
N HIS B 491 6.32 29.60 -15.68
CA HIS B 491 6.42 28.27 -16.26
C HIS B 491 5.92 27.26 -15.25
N VAL B 492 4.87 26.53 -15.63
CA VAL B 492 4.23 25.55 -14.77
C VAL B 492 5.12 24.32 -14.65
N LEU B 493 5.48 23.97 -13.42
CA LEU B 493 6.19 22.71 -13.21
C LEU B 493 5.23 21.54 -13.04
N GLY B 494 4.02 21.80 -12.58
CA GLY B 494 3.02 20.74 -12.56
C GLY B 494 1.84 21.09 -11.67
N ALA B 495 0.94 20.11 -11.56
CA ALA B 495 -0.25 20.22 -10.74
C ALA B 495 -0.60 18.85 -10.19
N TYR B 496 -1.22 18.83 -9.01
CA TYR B 496 -1.62 17.58 -8.39
C TYR B 496 -2.66 17.87 -7.33
N ALA B 497 -3.57 16.91 -7.14
CA ALA B 497 -4.57 16.99 -6.09
C ALA B 497 -3.96 16.54 -4.76
N VAL B 498 -4.21 17.32 -3.70
CA VAL B 498 -3.87 16.96 -2.34
C VAL B 498 -5.20 16.93 -1.58
N ASP B 499 -5.77 15.74 -1.41
CA ASP B 499 -7.12 15.55 -0.86
C ASP B 499 -8.10 16.28 -1.79
N ASN B 500 -8.79 17.32 -1.35
CA ASN B 500 -9.70 18.10 -2.20
C ASN B 500 -9.10 19.46 -2.56
N THR B 501 -7.78 19.57 -2.55
CA THR B 501 -7.10 20.82 -2.85
C THR B 501 -6.27 20.65 -4.12
N CYS B 502 -6.54 21.48 -5.12
CA CYS B 502 -5.73 21.50 -6.33
C CYS B 502 -4.49 22.35 -6.09
N VAL B 503 -3.31 21.80 -6.39
CA VAL B 503 -2.04 22.47 -6.18
C VAL B 503 -1.35 22.62 -7.52
N VAL B 504 -0.98 23.85 -7.87
CA VAL B 504 -0.17 24.12 -9.06
C VAL B 504 1.16 24.68 -8.60
N ARG B 505 2.25 24.18 -9.19
CA ARG B 505 3.59 24.64 -8.89
C ARG B 505 4.18 25.36 -10.09
N SER B 506 4.80 26.51 -9.85
CA SER B 506 5.38 27.33 -10.90
C SER B 506 6.78 27.79 -10.48
N ARG B 507 7.47 28.43 -11.42
CA ARG B 507 8.81 28.99 -11.18
C ARG B 507 8.89 30.42 -11.69
N ALA B 519 0.52 35.16 -15.56
CA ALA B 519 -0.04 34.82 -14.26
C ALA B 519 0.03 33.31 -14.03
N VAL B 520 -0.63 32.84 -12.96
CA VAL B 520 -0.74 31.42 -12.65
C VAL B 520 -2.17 31.17 -12.18
N THR B 521 -2.86 30.22 -12.81
CA THR B 521 -4.22 29.87 -12.42
C THR B 521 -4.34 28.37 -12.21
N ALA B 522 -4.74 27.98 -11.00
CA ALA B 522 -5.10 26.61 -10.68
C ALA B 522 -6.56 26.36 -11.05
N VAL B 523 -6.84 25.20 -11.63
CA VAL B 523 -8.19 24.85 -12.07
C VAL B 523 -8.59 23.54 -11.41
N ALA B 524 -9.65 23.56 -10.61
CA ALA B 524 -10.13 22.39 -9.89
C ALA B 524 -11.53 22.04 -10.36
N ILE B 525 -11.75 20.76 -10.67
CA ILE B 525 -13.07 20.24 -11.02
C ILE B 525 -13.56 19.45 -9.82
N CYS B 526 -14.71 19.85 -9.28
CA CYS B 526 -15.26 19.29 -8.05
C CYS B 526 -16.62 18.68 -8.34
N CYS B 527 -16.83 17.45 -7.90
CA CYS B 527 -18.09 16.77 -8.15
C CYS B 527 -18.70 16.28 -6.84
N ARG B 528 -19.99 15.98 -6.89
CA ARG B 528 -20.72 15.46 -5.75
C ARG B 528 -21.98 14.77 -6.24
N SER B 529 -22.38 13.73 -5.53
CA SER B 529 -23.56 12.97 -5.91
C SER B 529 -24.79 13.67 -5.35
N ARG B 530 -25.64 14.19 -6.22
CA ARG B 530 -26.86 14.87 -5.79
C ARG B 530 -28.07 13.93 -5.91
C ACE C 1 9.13 3.12 23.40
O ACE C 1 8.31 2.62 22.65
CH3 ACE C 1 8.68 3.99 24.55
N PHE C 2 10.47 2.91 23.29
CA PHE C 2 11.07 2.09 22.25
C PHE C 2 11.57 0.84 22.95
N VAL C 3 11.22 -0.36 22.45
CA VAL C 3 11.70 -1.58 23.11
C VAL C 3 12.54 -2.35 22.11
N PRO C 4 13.61 -3.12 22.50
CA PRO C 4 14.42 -3.84 21.52
C PRO C 4 13.69 -5.01 20.90
N THR C 5 12.44 -5.35 21.32
CA THR C 5 11.75 -6.47 20.67
C THR C 5 11.25 -5.97 19.33
N THR C 6 11.33 -4.64 19.03
CA THR C 6 10.90 -4.17 17.72
C THR C 6 12.19 -3.76 17.03
C11 WCM C 7 13.68 -2.68 14.51
C12 WCM C 7 16.00 -2.33 15.27
C13 WCM C 7 17.12 -2.47 14.21
C14 WCM C 7 16.33 -1.32 16.33
C10 WCM C 7 13.66 -4.09 15.10
C64 WCM C 7 14.70 -0.53 13.99
C65 WCM C 7 13.73 -5.14 13.95
C66 WCM C 7 15.08 -5.20 13.23
C67 WCM C 7 15.20 -4.69 11.92
C68 WCM C 7 16.42 -4.75 11.26
C69 WCM C 7 17.54 -5.31 11.89
C70 WCM C 7 17.42 -5.82 13.19
C71 WCM C 7 16.19 -5.76 13.85
C72 WCM C 7 18.83 -5.37 11.19
C73 WCM C 7 19.25 -4.31 10.38
C74 WCM C 7 20.47 -4.38 9.69
C75 WCM C 7 21.27 -5.52 9.82
C76 WCM C 7 20.84 -6.59 10.62
C77 WCM C 7 19.63 -6.52 11.30
N5 WCM C 7 12.44 -4.35 15.85
N6 WCM C 7 14.77 -1.87 14.58
O11 WCM C 7 17.39 -0.71 16.27
O12 WCM C 7 12.67 -2.32 13.96
C11 WCM C 8 16.30 -0.67 19.60
C12 WCM C 8 17.49 -0.42 21.74
C13 WCM C 8 18.92 0.05 22.12
C14 WCM C 8 16.44 -0.02 22.76
C10 WCM C 8 15.63 -0.16 18.36
C64 WCM C 8 17.04 1.61 20.22
C65 WCM C 8 14.23 0.18 18.95
C66 WCM C 8 13.26 0.92 18.03
C67 WCM C 8 11.91 0.56 18.07
C68 WCM C 8 10.98 1.21 17.24
C69 WCM C 8 11.42 2.23 16.39
C70 WCM C 8 12.77 2.60 16.35
C71 WCM C 8 13.69 1.94 17.17
C72 WCM C 8 10.43 2.91 15.53
C73 WCM C 8 10.74 3.21 14.21
C74 WCM C 8 9.80 3.84 13.39
C75 WCM C 8 8.53 4.17 13.88
C76 WCM C 8 8.21 3.86 15.21
C77 WCM C 8 9.16 3.24 16.03
N5 WCM C 8 15.43 -1.14 17.31
N6 WCM C 8 16.94 0.17 20.50
O11 WCM C 8 15.33 0.34 22.36
O12 WCM C 8 16.17 -1.87 19.79
N GLU C 9 16.67 -0.05 24.10
CA GLU C 9 15.58 0.37 25.01
C GLU C 9 15.69 1.89 25.10
N ALA C 10 14.66 2.69 24.74
CA ALA C 10 14.81 4.15 24.83
C ALA C 10 13.53 4.84 25.24
N PRO C 11 13.50 5.99 25.97
CA PRO C 11 12.23 6.59 26.33
C PRO C 11 11.50 7.11 25.12
N CYS C 12 10.16 6.97 25.04
CA CYS C 12 9.50 7.50 23.84
C CYS C 12 8.52 8.56 24.26
N NEH C 13 7.72 9.11 23.31
CA NEH C 13 6.76 10.14 23.66
CB NEH C 13 7.44 11.52 23.93
CA CA D . 1.11 -0.08 -0.69
#